data_5E7V
#
_entry.id   5E7V
#
_cell.length_a   66.490
_cell.length_b   66.490
_cell.length_c   263.340
_cell.angle_alpha   90.00
_cell.angle_beta   90.00
_cell.angle_gamma   120.00
#
_symmetry.space_group_name_H-M   'P 65 2 2'
#
loop_
_entity.id
_entity.type
_entity.pdbx_description
1 polymer 'Vitamin D3 receptor A'
2 polymer 'Nuclear receptor coactivator 1'
3 non-polymer '1-ALPHA-HYDROXY-27-NOR-25-O-CARBONYL-VITAMIN D3'
4 water water
#
loop_
_entity_poly.entity_id
_entity_poly.type
_entity_poly.pdbx_seq_one_letter_code
_entity_poly.pdbx_strand_id
1 'polypeptide(L)'
;HMLSDEQMQIINSLVEAHHKTYDDSYSDFVRFRPPVREGPVTRSASRAASLHSLSDASSDSFNHSPESVDTKLNFSNLLM
MYQDSGSPDSSEEDQQSRLSMLPHLADLVSYSIQKVIGFAKMIPGFRDLTAEDQIALLKSSAIEIIMLRSNQSFSLEDMS
WSCGGPDFKYCINDVTKAGHTLELLEPLVKFQVGLKKLKLHEEEHVLLMAICLLSPDRPGVQDHVRIEALQDRLCDVLQA
YIRIQHPGGRLLYAKMIQKLADLRSLNEEHSKQYRSLSFQPEHSMQLTPLVLEVFGSEVS
;
A
2 'polypeptide(L)' RHKILHRLLQEGSPS B
#
loop_
_chem_comp.id
_chem_comp.type
_chem_comp.name
_chem_comp.formula
M7E non-polymer '1-ALPHA-HYDROXY-27-NOR-25-O-CARBONYL-VITAMIN D3' 'C26 H37 B10 O2 3'
#
# COMPACT_ATOMS: atom_id res chain seq x y z
N HIS A 1 -23.35 19.41 -12.51
CA HIS A 1 -22.54 18.44 -13.26
C HIS A 1 -22.42 17.07 -12.57
N MET A 2 -22.07 16.03 -13.35
CA MET A 2 -21.96 14.66 -12.89
C MET A 2 -20.82 13.86 -13.57
N LEU A 3 -20.60 12.61 -13.12
CA LEU A 3 -19.59 11.68 -13.62
C LEU A 3 -20.15 10.88 -14.80
N SER A 4 -19.29 10.40 -15.70
CA SER A 4 -19.76 9.59 -16.81
C SER A 4 -19.95 8.15 -16.35
N ASP A 5 -20.61 7.30 -17.16
CA ASP A 5 -20.79 5.88 -16.85
C ASP A 5 -19.45 5.17 -16.76
N GLU A 6 -18.45 5.61 -17.57
CA GLU A 6 -17.10 5.07 -17.59
C GLU A 6 -16.43 5.34 -16.23
N GLN A 7 -16.58 6.57 -15.70
CA GLN A 7 -16.03 6.98 -14.42
C GLN A 7 -16.68 6.22 -13.26
N MET A 8 -17.99 5.95 -13.37
CA MET A 8 -18.77 5.21 -12.39
C MET A 8 -18.29 3.74 -12.37
N GLN A 9 -18.14 3.14 -13.58
CA GLN A 9 -17.63 1.78 -13.78
C GLN A 9 -16.26 1.60 -13.12
N ILE A 10 -15.31 2.56 -13.34
CA ILE A 10 -13.97 2.57 -12.77
C ILE A 10 -14.04 2.52 -11.23
N ILE A 11 -14.88 3.40 -10.63
CA ILE A 11 -15.05 3.43 -9.16
C ILE A 11 -15.61 2.07 -8.63
N ASN A 12 -16.69 1.56 -9.25
CA ASN A 12 -17.28 0.28 -8.87
C ASN A 12 -16.30 -0.90 -8.91
N SER A 13 -15.46 -0.96 -9.97
CA SER A 13 -14.41 -1.96 -10.21
C SER A 13 -13.33 -1.85 -9.15
N LEU A 14 -12.93 -0.60 -8.79
CA LEU A 14 -11.91 -0.37 -7.78
C LEU A 14 -12.38 -0.73 -6.38
N VAL A 15 -13.63 -0.34 -6.02
CA VAL A 15 -14.24 -0.66 -4.72
C VAL A 15 -14.41 -2.19 -4.60
N GLU A 16 -14.83 -2.86 -5.70
CA GLU A 16 -15.01 -4.31 -5.77
C GLU A 16 -13.65 -5.01 -5.59
N ALA A 17 -12.59 -4.51 -6.27
CA ALA A 17 -11.21 -5.01 -6.16
C ALA A 17 -10.69 -4.90 -4.74
N HIS A 18 -11.03 -3.81 -4.06
CA HIS A 18 -10.60 -3.62 -2.67
C HIS A 18 -11.31 -4.56 -1.73
N HIS A 19 -12.64 -4.76 -1.91
CA HIS A 19 -13.45 -5.64 -1.04
C HIS A 19 -13.01 -7.10 -1.12
N LYS A 20 -12.56 -7.51 -2.32
CA LYS A 20 -12.03 -8.82 -2.63
C LYS A 20 -10.64 -9.06 -2.02
N THR A 21 -9.87 -7.99 -1.76
CA THR A 21 -8.47 -8.08 -1.29
C THR A 21 -8.27 -7.51 0.12
N TYR A 22 -9.35 -7.03 0.74
CA TYR A 22 -9.23 -6.52 2.10
C TYR A 22 -10.30 -7.18 2.94
N ASP A 23 -9.84 -7.93 3.95
CA ASP A 23 -10.65 -8.71 4.86
C ASP A 23 -10.79 -8.03 6.24
N ASP A 24 -11.93 -7.37 6.45
CA ASP A 24 -12.35 -6.65 7.66
C ASP A 24 -12.39 -7.52 8.91
N SER A 25 -12.46 -8.87 8.77
CA SER A 25 -12.47 -9.78 9.92
C SER A 25 -11.07 -10.05 10.43
N TYR A 26 -10.02 -9.80 9.58
CA TYR A 26 -8.60 -10.07 9.89
C TYR A 26 -8.40 -11.52 10.37
N SER A 27 -9.27 -12.44 9.90
CA SER A 27 -9.25 -13.84 10.34
C SER A 27 -8.02 -14.64 9.92
N ASP A 28 -7.33 -14.22 8.85
CA ASP A 28 -6.10 -14.87 8.35
C ASP A 28 -4.87 -14.62 9.24
N PHE A 29 -4.93 -13.58 10.11
CA PHE A 29 -3.83 -13.17 11.01
C PHE A 29 -3.35 -14.26 11.96
N VAL A 30 -4.24 -15.18 12.34
CA VAL A 30 -3.90 -16.33 13.21
C VAL A 30 -2.94 -17.31 12.50
N ARG A 31 -2.86 -17.27 11.14
CA ARG A 31 -2.00 -18.19 10.36
C ARG A 31 -0.54 -17.73 10.32
N PHE A 32 -0.27 -16.46 10.66
CA PHE A 32 1.08 -15.89 10.71
C PHE A 32 1.83 -16.41 11.92
N ARG A 33 3.19 -16.37 11.89
CA ARG A 33 4.03 -16.68 13.05
C ARG A 33 3.57 -15.69 14.13
N PRO A 34 3.35 -16.13 15.37
CA PRO A 34 2.72 -15.24 16.34
C PRO A 34 3.49 -14.00 16.76
N PRO A 35 2.78 -12.92 17.19
CA PRO A 35 3.49 -11.72 17.65
C PRO A 35 4.17 -11.95 19.01
N VAL A 36 5.42 -11.50 19.15
CA VAL A 36 6.14 -11.66 20.43
C VAL A 36 6.53 -10.27 20.91
N ARG A 37 5.83 -9.79 21.94
CA ARG A 37 6.02 -8.45 22.51
C ARG A 37 6.71 -8.53 23.88
N ARG A 98 15.98 -10.71 20.71
CA ARG A 98 16.02 -9.44 19.99
C ARG A 98 15.36 -9.60 18.62
N LEU A 99 14.58 -8.56 18.19
CA LEU A 99 13.78 -8.50 16.97
C LEU A 99 12.67 -9.55 16.99
N SER A 100 11.93 -9.55 18.09
CA SER A 100 10.85 -10.50 18.41
C SER A 100 9.59 -10.36 17.56
N MET A 101 9.35 -9.19 16.99
CA MET A 101 8.15 -8.92 16.19
C MET A 101 8.41 -9.13 14.71
N LEU A 102 9.68 -9.34 14.34
CA LEU A 102 10.10 -9.57 12.96
C LEU A 102 9.32 -10.74 12.27
N PRO A 103 9.28 -11.97 12.83
CA PRO A 103 8.50 -13.04 12.18
C PRO A 103 7.04 -12.68 11.89
N HIS A 104 6.33 -12.16 12.88
CA HIS A 104 4.92 -11.78 12.68
C HIS A 104 4.76 -10.68 11.64
N LEU A 105 5.55 -9.59 11.76
CA LEU A 105 5.46 -8.48 10.81
C LEU A 105 5.85 -8.83 9.41
N ALA A 106 6.78 -9.79 9.24
CA ALA A 106 7.21 -10.27 7.92
C ALA A 106 6.06 -11.02 7.25
N ASP A 107 5.37 -11.89 8.02
CA ASP A 107 4.20 -12.66 7.54
C ASP A 107 3.02 -11.72 7.25
N LEU A 108 2.80 -10.70 8.09
CA LEU A 108 1.75 -9.69 7.88
C LEU A 108 2.00 -8.94 6.57
N VAL A 109 3.25 -8.45 6.37
CA VAL A 109 3.64 -7.71 5.17
C VAL A 109 3.62 -8.64 3.93
N SER A 110 4.04 -9.89 4.08
CA SER A 110 4.03 -10.85 2.95
C SER A 110 2.60 -11.08 2.48
N TYR A 111 1.70 -11.32 3.42
CA TYR A 111 0.27 -11.48 3.20
C TYR A 111 -0.30 -10.20 2.51
N SER A 112 0.07 -9.01 3.01
CA SER A 112 -0.40 -7.74 2.42
C SER A 112 0.12 -7.50 0.99
N ILE A 113 1.35 -7.98 0.66
CA ILE A 113 1.89 -7.87 -0.71
C ILE A 113 0.98 -8.67 -1.67
N GLN A 114 0.55 -9.87 -1.25
CA GLN A 114 -0.35 -10.70 -2.08
C GLN A 114 -1.65 -10.01 -2.37
N LYS A 115 -2.16 -9.31 -1.39
CA LYS A 115 -3.39 -8.55 -1.48
C LYS A 115 -3.25 -7.39 -2.46
N VAL A 116 -2.14 -6.65 -2.38
CA VAL A 116 -1.80 -5.54 -3.25
C VAL A 116 -1.67 -6.01 -4.69
N ILE A 117 -1.01 -7.18 -4.95
CA ILE A 117 -0.89 -7.80 -6.29
C ILE A 117 -2.36 -8.02 -6.79
N GLY A 118 -3.20 -8.65 -5.96
CA GLY A 118 -4.59 -8.96 -6.25
C GLY A 118 -5.41 -7.74 -6.62
N PHE A 119 -5.28 -6.66 -5.85
CA PHE A 119 -5.93 -5.38 -6.11
C PHE A 119 -5.42 -4.81 -7.46
N ALA A 120 -4.06 -4.70 -7.63
CA ALA A 120 -3.43 -4.18 -8.84
C ALA A 120 -3.97 -4.84 -10.11
N LYS A 121 -4.11 -6.19 -10.10
CA LYS A 121 -4.60 -6.97 -11.23
C LYS A 121 -6.04 -6.62 -11.72
N MET A 122 -6.84 -6.02 -10.82
CA MET A 122 -8.22 -5.59 -11.02
C MET A 122 -8.31 -4.09 -11.31
N ILE A 123 -7.16 -3.37 -11.30
CA ILE A 123 -7.17 -1.94 -11.65
C ILE A 123 -7.34 -1.91 -13.18
N PRO A 124 -8.39 -1.24 -13.73
CA PRO A 124 -8.57 -1.24 -15.19
C PRO A 124 -7.38 -0.71 -15.97
N GLY A 125 -6.84 -1.59 -16.84
CA GLY A 125 -5.70 -1.30 -17.69
C GLY A 125 -4.40 -1.90 -17.23
N PHE A 126 -4.23 -2.09 -15.91
CA PHE A 126 -3.04 -2.64 -15.29
C PHE A 126 -2.62 -3.98 -15.89
N ARG A 127 -3.55 -4.92 -16.08
CA ARG A 127 -3.30 -6.24 -16.66
C ARG A 127 -2.84 -6.22 -18.12
N ASP A 128 -3.11 -5.11 -18.85
CA ASP A 128 -2.74 -4.92 -20.25
C ASP A 128 -1.29 -4.50 -20.42
N LEU A 129 -0.65 -4.03 -19.33
CA LEU A 129 0.76 -3.63 -19.34
C LEU A 129 1.64 -4.88 -19.50
N THR A 130 2.92 -4.71 -19.86
CA THR A 130 3.82 -5.89 -19.95
C THR A 130 4.05 -6.42 -18.52
N ALA A 131 4.47 -7.70 -18.39
CA ALA A 131 4.76 -8.28 -17.08
C ALA A 131 5.80 -7.44 -16.33
N GLU A 132 6.80 -6.96 -17.07
CA GLU A 132 7.91 -6.15 -16.57
C GLU A 132 7.45 -4.81 -15.97
N ASP A 133 6.51 -4.12 -16.64
CA ASP A 133 5.98 -2.86 -16.11
C ASP A 133 5.15 -3.11 -14.89
N GLN A 134 4.38 -4.21 -14.87
CA GLN A 134 3.57 -4.59 -13.73
C GLN A 134 4.48 -4.82 -12.52
N ILE A 135 5.64 -5.48 -12.73
CA ILE A 135 6.64 -5.78 -11.69
C ILE A 135 7.26 -4.48 -11.17
N ALA A 136 7.74 -3.63 -12.11
CA ALA A 136 8.32 -2.33 -11.80
C ALA A 136 7.34 -1.46 -10.97
N LEU A 137 6.07 -1.40 -11.34
CA LEU A 137 5.05 -0.67 -10.59
C LEU A 137 4.85 -1.23 -9.17
N LEU A 138 4.67 -2.56 -9.09
CA LEU A 138 4.47 -3.27 -7.84
C LEU A 138 5.70 -3.16 -6.90
N LYS A 139 6.90 -3.47 -7.41
CA LYS A 139 8.14 -3.41 -6.62
C LYS A 139 8.40 -2.07 -5.93
N SER A 140 8.19 -0.97 -6.63
CA SER A 140 8.43 0.33 -6.01
C SER A 140 7.24 0.97 -5.28
N SER A 141 6.01 0.47 -5.48
CA SER A 141 4.88 1.09 -4.80
C SER A 141 4.25 0.25 -3.70
N ALA A 142 4.53 -1.07 -3.64
CA ALA A 142 3.92 -2.00 -2.65
C ALA A 142 3.94 -1.47 -1.22
N ILE A 143 5.10 -0.98 -0.74
CA ILE A 143 5.20 -0.45 0.62
C ILE A 143 4.28 0.76 0.84
N GLU A 144 4.14 1.61 -0.19
CA GLU A 144 3.26 2.77 -0.19
C GLU A 144 1.80 2.31 -0.17
N ILE A 145 1.43 1.27 -0.96
CA ILE A 145 0.06 0.73 -0.97
C ILE A 145 -0.33 0.09 0.35
N ILE A 146 0.67 -0.52 1.02
CA ILE A 146 0.54 -1.14 2.34
C ILE A 146 0.27 -0.05 3.37
N MET A 147 1.07 1.04 3.36
CA MET A 147 0.94 2.21 4.23
C MET A 147 -0.44 2.87 4.07
N LEU A 148 -0.91 3.02 2.80
CA LEU A 148 -2.23 3.59 2.48
C LEU A 148 -3.37 2.69 3.01
N ARG A 149 -3.32 1.39 2.66
CA ARG A 149 -4.37 0.44 3.03
C ARG A 149 -4.43 0.17 4.52
N SER A 150 -3.27 0.27 5.23
CA SER A 150 -3.18 0.07 6.69
C SER A 150 -4.03 1.11 7.45
N ASN A 151 -4.29 2.26 6.80
CA ASN A 151 -5.05 3.37 7.39
C ASN A 151 -6.44 2.93 7.79
N GLN A 152 -6.99 1.94 7.09
CA GLN A 152 -8.31 1.35 7.40
C GLN A 152 -8.30 0.67 8.83
N SER A 153 -7.16 0.12 9.31
CA SER A 153 -7.07 -0.45 10.67
C SER A 153 -6.49 0.57 11.69
N PHE A 154 -5.98 1.73 11.21
CA PHE A 154 -5.37 2.74 12.07
C PHE A 154 -6.44 3.46 12.86
N SER A 155 -6.17 3.72 14.15
CA SER A 155 -7.12 4.42 15.02
C SER A 155 -6.49 5.64 15.66
N LEU A 156 -7.16 6.80 15.57
CA LEU A 156 -6.67 8.04 16.18
C LEU A 156 -6.76 7.95 17.70
N GLU A 157 -7.74 7.19 18.19
CA GLU A 157 -8.01 6.94 19.61
C GLU A 157 -6.79 6.37 20.37
N ASP A 158 -6.09 5.37 19.79
CA ASP A 158 -4.91 4.74 20.43
C ASP A 158 -3.58 4.89 19.69
N MET A 159 -3.59 5.56 18.50
CA MET A 159 -2.39 5.78 17.67
C MET A 159 -1.70 4.47 17.30
N SER A 160 -2.50 3.44 17.08
CA SER A 160 -2.04 2.13 16.72
C SER A 160 -2.97 1.54 15.65
N TRP A 161 -2.53 0.40 15.05
CA TRP A 161 -3.27 -0.31 14.01
C TRP A 161 -3.96 -1.47 14.70
N SER A 162 -5.30 -1.45 14.79
CA SER A 162 -6.05 -2.52 15.48
C SER A 162 -6.72 -3.48 14.52
N CYS A 163 -6.23 -4.71 14.48
CA CYS A 163 -6.74 -5.75 13.58
C CYS A 163 -7.45 -6.88 14.34
N GLY A 164 -8.46 -6.53 15.11
CA GLY A 164 -9.21 -7.48 15.92
C GLY A 164 -8.80 -7.35 17.37
N GLY A 165 -8.30 -8.42 17.95
CA GLY A 165 -7.87 -8.43 19.35
C GLY A 165 -6.58 -7.68 19.66
N PRO A 166 -6.18 -7.60 20.97
CA PRO A 166 -4.89 -6.94 21.32
C PRO A 166 -3.68 -7.70 20.79
N ASP A 167 -3.94 -8.92 20.33
CA ASP A 167 -3.05 -9.89 19.70
C ASP A 167 -2.50 -9.24 18.42
N PHE A 168 -3.42 -8.62 17.64
CA PHE A 168 -3.12 -7.94 16.41
C PHE A 168 -3.34 -6.43 16.50
N LYS A 169 -2.90 -5.83 17.64
CA LYS A 169 -2.91 -4.38 17.85
C LYS A 169 -1.44 -3.96 17.77
N TYR A 170 -1.07 -3.22 16.71
CA TYR A 170 0.31 -2.82 16.48
C TYR A 170 0.56 -1.35 16.79
N CYS A 171 1.48 -1.09 17.71
CA CYS A 171 1.91 0.25 18.06
C CYS A 171 3.34 0.47 17.53
N ILE A 172 3.86 1.70 17.64
CA ILE A 172 5.22 2.08 17.22
C ILE A 172 6.27 1.17 17.88
N ASN A 173 6.10 0.89 19.19
CA ASN A 173 7.01 0.05 19.96
C ASN A 173 7.17 -1.37 19.38
N ASP A 174 6.05 -1.96 18.92
CA ASP A 174 6.00 -3.27 18.29
C ASP A 174 6.82 -3.27 17.00
N VAL A 175 6.67 -2.21 16.16
CA VAL A 175 7.42 -2.07 14.90
C VAL A 175 8.93 -1.87 15.16
N THR A 176 9.26 -1.22 16.29
CA THR A 176 10.63 -1.06 16.77
C THR A 176 11.25 -2.46 16.98
N LYS A 177 10.42 -3.43 17.42
CA LYS A 177 10.82 -4.83 17.65
C LYS A 177 10.98 -5.68 16.38
N ALA A 178 10.85 -5.05 15.19
CA ALA A 178 11.13 -5.69 13.90
C ALA A 178 12.37 -5.00 13.32
N GLY A 179 12.98 -4.09 14.10
CA GLY A 179 14.21 -3.40 13.73
C GLY A 179 14.10 -1.97 13.23
N HIS A 180 12.88 -1.42 13.17
CA HIS A 180 12.71 -0.06 12.70
C HIS A 180 13.01 1.00 13.73
N THR A 181 13.39 2.19 13.25
CA THR A 181 13.72 3.35 14.09
C THR A 181 12.63 4.44 13.99
N LEU A 182 12.68 5.42 14.89
CA LEU A 182 11.75 6.55 14.92
C LEU A 182 11.85 7.42 13.66
N GLU A 183 12.98 7.32 12.92
CA GLU A 183 13.25 8.03 11.68
C GLU A 183 12.18 7.66 10.64
N LEU A 184 11.70 6.41 10.68
CA LEU A 184 10.61 5.96 9.83
C LEU A 184 9.29 6.03 10.61
N LEU A 185 9.27 5.44 11.81
CA LEU A 185 8.08 5.33 12.65
C LEU A 185 7.33 6.63 13.01
N GLU A 186 8.02 7.68 13.49
CA GLU A 186 7.39 8.98 13.79
C GLU A 186 6.74 9.60 12.51
N PRO A 187 7.43 9.76 11.34
CA PRO A 187 6.73 10.25 10.14
C PRO A 187 5.63 9.31 9.62
N LEU A 188 5.74 8.00 9.89
CA LEU A 188 4.72 7.02 9.47
C LEU A 188 3.43 7.32 10.24
N VAL A 189 3.53 7.44 11.58
CA VAL A 189 2.37 7.70 12.41
C VAL A 189 1.75 9.07 12.14
N LYS A 190 2.57 10.10 11.86
CA LYS A 190 2.09 11.45 11.52
C LYS A 190 1.29 11.40 10.19
N PHE A 191 1.77 10.59 9.23
CA PHE A 191 1.09 10.34 7.94
C PHE A 191 -0.26 9.66 8.17
N GLN A 192 -0.29 8.65 9.06
CA GLN A 192 -1.50 7.91 9.38
C GLN A 192 -2.54 8.82 10.03
N VAL A 193 -2.11 9.70 10.93
CA VAL A 193 -2.98 10.65 11.60
C VAL A 193 -3.62 11.62 10.58
N GLY A 194 -2.77 12.24 9.74
CA GLY A 194 -3.17 13.18 8.72
C GLY A 194 -4.13 12.59 7.71
N LEU A 195 -3.87 11.33 7.28
CA LEU A 195 -4.73 10.63 6.33
C LEU A 195 -6.07 10.26 6.96
N LYS A 196 -6.07 9.79 8.22
CA LYS A 196 -7.29 9.46 8.95
C LYS A 196 -8.17 10.68 9.12
N LYS A 197 -7.55 11.85 9.40
CA LYS A 197 -8.23 13.14 9.56
C LYS A 197 -8.85 13.65 8.25
N LEU A 198 -8.39 13.14 7.06
CA LEU A 198 -8.97 13.50 5.74
C LEU A 198 -10.38 12.93 5.62
N LYS A 199 -10.67 11.85 6.40
CA LYS A 199 -11.98 11.18 6.44
C LYS A 199 -12.45 10.91 5.00
N LEU A 200 -11.60 10.19 4.28
CA LEU A 200 -11.80 9.82 2.89
C LEU A 200 -12.97 8.89 2.74
N HIS A 201 -13.72 9.06 1.66
CA HIS A 201 -14.80 8.16 1.32
C HIS A 201 -14.11 6.91 0.81
N GLU A 202 -14.73 5.74 0.95
CA GLU A 202 -14.15 4.50 0.44
C GLU A 202 -13.71 4.65 -1.03
N GLU A 203 -14.51 5.37 -1.85
CA GLU A 203 -14.24 5.64 -3.26
C GLU A 203 -12.93 6.40 -3.45
N GLU A 204 -12.66 7.36 -2.57
CA GLU A 204 -11.44 8.17 -2.60
C GLU A 204 -10.23 7.40 -2.17
N HIS A 205 -10.34 6.63 -1.09
CA HIS A 205 -9.26 5.80 -0.54
C HIS A 205 -8.76 4.80 -1.61
N VAL A 206 -9.70 4.15 -2.29
CA VAL A 206 -9.49 3.16 -3.33
C VAL A 206 -8.86 3.83 -4.60
N LEU A 207 -9.34 5.05 -4.95
CA LEU A 207 -8.80 5.83 -6.07
C LEU A 207 -7.35 6.22 -5.75
N LEU A 208 -7.09 6.68 -4.50
CA LEU A 208 -5.74 7.05 -4.05
C LEU A 208 -4.73 5.89 -4.13
N MET A 209 -5.15 4.66 -3.78
CA MET A 209 -4.26 3.49 -3.85
C MET A 209 -3.90 3.19 -5.31
N ALA A 210 -4.91 3.25 -6.21
CA ALA A 210 -4.77 2.99 -7.64
C ALA A 210 -3.96 4.08 -8.32
N ILE A 211 -4.07 5.35 -7.86
CA ILE A 211 -3.30 6.48 -8.40
C ILE A 211 -1.82 6.20 -8.06
N CYS A 212 -1.56 5.87 -6.79
CA CYS A 212 -0.24 5.57 -6.26
C CYS A 212 0.46 4.45 -7.05
N LEU A 213 -0.24 3.31 -7.28
CA LEU A 213 0.21 2.10 -8.00
C LEU A 213 0.56 2.41 -9.46
N LEU A 214 -0.17 3.34 -10.08
CA LEU A 214 0.02 3.72 -11.48
C LEU A 214 0.87 4.98 -11.71
N SER A 215 1.82 5.22 -10.81
CA SER A 215 2.75 6.34 -10.95
C SER A 215 3.82 5.95 -12.00
N PRO A 216 3.91 6.60 -13.17
CA PRO A 216 4.93 6.20 -14.15
C PRO A 216 6.38 6.55 -13.73
N ASP A 217 6.52 7.50 -12.78
CA ASP A 217 7.80 7.97 -12.27
C ASP A 217 8.39 7.01 -11.21
N ARG A 218 8.66 5.78 -11.65
CA ARG A 218 9.24 4.74 -10.79
C ARG A 218 10.39 4.13 -11.53
N PRO A 219 11.44 3.66 -10.84
CA PRO A 219 12.57 3.04 -11.59
C PRO A 219 12.15 1.75 -12.30
N GLY A 220 12.67 1.55 -13.50
CA GLY A 220 12.40 0.34 -14.27
C GLY A 220 11.18 0.33 -15.16
N VAL A 221 10.33 1.40 -15.12
CA VAL A 221 9.16 1.45 -16.02
C VAL A 221 9.57 1.74 -17.46
N GLN A 222 9.00 0.99 -18.43
CA GLN A 222 9.28 1.13 -19.86
C GLN A 222 8.19 1.91 -20.60
N ASP A 223 6.92 1.47 -20.51
CA ASP A 223 5.82 2.14 -21.18
C ASP A 223 5.25 3.28 -20.30
N HIS A 224 6.07 4.34 -20.12
CA HIS A 224 5.76 5.53 -19.34
C HIS A 224 4.51 6.28 -19.88
N VAL A 225 4.35 6.39 -21.22
CA VAL A 225 3.20 7.08 -21.84
C VAL A 225 1.86 6.41 -21.46
N ARG A 226 1.79 5.07 -21.56
CA ARG A 226 0.60 4.29 -21.26
C ARG A 226 0.18 4.40 -19.80
N ILE A 227 1.16 4.31 -18.87
CA ILE A 227 0.97 4.35 -17.43
C ILE A 227 0.46 5.74 -16.99
N GLU A 228 1.12 6.79 -17.47
CA GLU A 228 0.74 8.17 -17.17
C GLU A 228 -0.69 8.45 -17.70
N ALA A 229 -1.08 7.84 -18.84
CA ALA A 229 -2.43 8.00 -19.40
C ALA A 229 -3.45 7.28 -18.50
N LEU A 230 -3.09 6.09 -17.97
CA LEU A 230 -3.94 5.33 -17.03
C LEU A 230 -4.16 6.13 -15.72
N GLN A 231 -3.05 6.65 -15.14
CA GLN A 231 -3.08 7.45 -13.91
C GLN A 231 -3.88 8.74 -14.06
N ASP A 232 -3.77 9.42 -15.22
CA ASP A 232 -4.49 10.66 -15.50
C ASP A 232 -5.98 10.45 -15.50
N ARG A 233 -6.45 9.38 -16.17
CA ARG A 233 -7.85 8.97 -16.23
C ARG A 233 -8.40 8.79 -14.79
N LEU A 234 -7.58 8.20 -13.91
CA LEU A 234 -7.88 7.94 -12.49
C LEU A 234 -7.96 9.24 -11.66
N CYS A 235 -7.05 10.19 -11.93
CA CYS A 235 -7.00 11.49 -11.28
C CYS A 235 -8.23 12.33 -11.64
N ASP A 236 -8.68 12.25 -12.93
CA ASP A 236 -9.88 12.91 -13.44
C ASP A 236 -11.08 12.33 -12.75
N VAL A 237 -11.14 10.96 -12.64
CA VAL A 237 -12.23 10.25 -11.94
C VAL A 237 -12.30 10.76 -10.48
N LEU A 238 -11.12 10.88 -9.81
CA LEU A 238 -11.00 11.38 -8.43
C LEU A 238 -11.46 12.83 -8.25
N GLN A 239 -10.97 13.76 -9.09
CA GLN A 239 -11.30 15.18 -9.08
C GLN A 239 -12.81 15.39 -9.25
N ALA A 240 -13.40 14.68 -10.22
CA ALA A 240 -14.82 14.70 -10.52
C ALA A 240 -15.64 14.10 -9.36
N TYR A 241 -15.18 13.00 -8.74
CA TYR A 241 -15.90 12.40 -7.61
C TYR A 241 -16.01 13.38 -6.42
N ILE A 242 -14.86 13.96 -5.99
CA ILE A 242 -14.83 14.90 -4.85
C ILE A 242 -15.80 16.04 -5.10
N ARG A 243 -15.64 16.72 -6.24
CA ARG A 243 -16.46 17.84 -6.69
C ARG A 243 -17.97 17.53 -6.62
N ILE A 244 -18.39 16.38 -7.16
CA ILE A 244 -19.78 15.96 -7.26
C ILE A 244 -20.33 15.30 -6.02
N GLN A 245 -19.54 14.44 -5.37
CA GLN A 245 -19.97 13.63 -4.22
C GLN A 245 -19.49 14.00 -2.82
N HIS A 246 -18.46 14.85 -2.70
CA HIS A 246 -17.88 15.18 -1.38
C HIS A 246 -18.13 16.64 -0.95
N PRO A 247 -19.06 16.91 0.00
CA PRO A 247 -19.27 18.31 0.43
C PRO A 247 -18.13 18.74 1.34
N GLY A 248 -17.71 19.99 1.20
CA GLY A 248 -16.59 20.57 1.93
C GLY A 248 -15.22 20.10 1.44
N GLY A 249 -15.22 19.33 0.34
CA GLY A 249 -14.02 18.74 -0.23
C GLY A 249 -13.28 19.61 -1.25
N ARG A 250 -13.49 20.91 -1.20
CA ARG A 250 -12.86 21.89 -2.09
C ARG A 250 -11.33 21.80 -2.11
N LEU A 251 -10.72 21.55 -0.92
CA LEU A 251 -9.26 21.47 -0.79
C LEU A 251 -8.75 20.03 -0.72
N LEU A 252 -9.67 19.04 -0.79
CA LEU A 252 -9.34 17.62 -0.68
C LEU A 252 -8.37 17.02 -1.72
N TYR A 253 -8.66 17.18 -3.04
CA TYR A 253 -7.81 16.61 -4.09
C TYR A 253 -6.32 16.93 -3.89
N ALA A 254 -5.99 18.20 -3.63
CA ALA A 254 -4.65 18.72 -3.38
C ALA A 254 -4.05 18.05 -2.15
N LYS A 255 -4.82 17.89 -1.06
CA LYS A 255 -4.37 17.23 0.18
C LYS A 255 -3.96 15.79 -0.06
N MET A 256 -4.71 15.09 -0.95
CA MET A 256 -4.48 13.69 -1.32
C MET A 256 -3.21 13.59 -2.16
N ILE A 257 -2.99 14.55 -3.10
CA ILE A 257 -1.77 14.60 -3.91
C ILE A 257 -0.52 14.82 -3.02
N GLN A 258 -0.65 15.61 -1.95
CA GLN A 258 0.42 15.84 -0.99
C GLN A 258 0.75 14.55 -0.23
N LYS A 259 -0.28 13.74 0.12
CA LYS A 259 -0.10 12.46 0.80
C LYS A 259 0.73 11.48 -0.05
N LEU A 260 0.57 11.53 -1.39
CA LEU A 260 1.33 10.72 -2.33
C LEU A 260 2.81 11.15 -2.30
N ALA A 261 3.06 12.46 -2.14
CA ALA A 261 4.41 13.00 -2.00
C ALA A 261 5.05 12.55 -0.70
N ASP A 262 4.28 12.61 0.42
CA ASP A 262 4.70 12.15 1.76
C ASP A 262 5.13 10.71 1.72
N LEU A 263 4.41 9.89 0.91
CA LEU A 263 4.66 8.47 0.72
C LEU A 263 5.99 8.18 0.10
N ARG A 264 6.47 9.07 -0.80
CA ARG A 264 7.81 8.92 -1.41
C ARG A 264 8.93 9.00 -0.34
N SER A 265 8.81 9.95 0.62
CA SER A 265 9.81 10.06 1.69
C SER A 265 9.76 8.82 2.60
N LEU A 266 8.53 8.33 2.89
CA LEU A 266 8.34 7.12 3.72
C LEU A 266 8.97 5.91 3.04
N ASN A 267 8.75 5.79 1.72
CA ASN A 267 9.32 4.74 0.86
C ASN A 267 10.85 4.77 0.90
N GLU A 268 11.39 5.97 0.77
CA GLU A 268 12.82 6.26 0.81
C GLU A 268 13.46 5.74 2.11
N GLU A 269 12.85 6.09 3.25
CA GLU A 269 13.30 5.71 4.57
C GLU A 269 13.18 4.22 4.80
N HIS A 270 11.99 3.64 4.46
CA HIS A 270 11.71 2.21 4.56
C HIS A 270 12.76 1.38 3.80
N SER A 271 13.12 1.82 2.57
CA SER A 271 14.08 1.16 1.69
C SER A 271 15.46 1.06 2.31
N LYS A 272 15.88 2.12 2.99
CA LYS A 272 17.14 2.28 3.70
C LYS A 272 17.14 1.30 4.87
N GLN A 273 16.11 1.36 5.72
CA GLN A 273 15.97 0.48 6.85
C GLN A 273 15.83 -1.00 6.47
N TYR A 274 15.12 -1.31 5.37
CA TYR A 274 15.00 -2.69 4.89
C TYR A 274 16.37 -3.20 4.44
N ARG A 275 17.12 -2.36 3.68
CA ARG A 275 18.45 -2.68 3.17
C ARG A 275 19.37 -3.05 4.34
N SER A 276 19.32 -2.26 5.42
CA SER A 276 20.09 -2.49 6.64
C SER A 276 19.76 -3.81 7.31
N LEU A 277 18.44 -4.16 7.47
CA LEU A 277 18.01 -5.41 8.08
C LEU A 277 18.37 -6.61 7.22
N SER A 278 17.98 -6.56 5.95
CA SER A 278 18.17 -7.63 4.95
C SER A 278 19.64 -8.04 4.70
N PHE A 279 20.59 -7.17 5.07
CA PHE A 279 22.01 -7.44 4.85
C PHE A 279 22.56 -8.46 5.84
N GLN A 280 21.90 -8.59 7.00
CA GLN A 280 22.27 -9.51 8.06
C GLN A 280 21.53 -10.86 7.83
N PRO A 281 22.27 -11.96 7.49
CA PRO A 281 21.59 -13.25 7.23
C PRO A 281 20.78 -13.86 8.38
N GLU A 282 20.97 -13.40 9.63
CA GLU A 282 20.20 -13.87 10.80
C GLU A 282 18.79 -13.32 10.83
N HIS A 283 18.57 -12.15 10.23
CA HIS A 283 17.25 -11.51 10.11
C HIS A 283 16.66 -11.83 8.75
N SER A 284 17.49 -11.82 7.68
CA SER A 284 17.02 -12.11 6.31
C SER A 284 16.42 -13.52 6.19
N MET A 285 16.96 -14.49 6.96
CA MET A 285 16.46 -15.85 7.03
C MET A 285 15.03 -15.93 7.62
N GLN A 286 14.56 -14.88 8.33
CA GLN A 286 13.23 -14.80 8.96
C GLN A 286 12.19 -14.23 8.01
N LEU A 287 12.64 -13.69 6.88
CA LEU A 287 11.74 -13.11 5.88
C LEU A 287 11.08 -14.21 5.04
N THR A 288 10.09 -13.82 4.25
CA THR A 288 9.43 -14.81 3.40
C THR A 288 10.02 -14.65 1.99
N PRO A 289 9.93 -15.68 1.12
CA PRO A 289 10.39 -15.52 -0.27
C PRO A 289 9.80 -14.32 -1.04
N LEU A 290 8.50 -14.04 -0.86
CA LEU A 290 7.81 -12.93 -1.54
C LEU A 290 8.33 -11.58 -1.12
N VAL A 291 8.52 -11.36 0.21
CA VAL A 291 9.11 -10.14 0.76
C VAL A 291 10.53 -9.90 0.16
N LEU A 292 11.36 -10.96 0.09
CA LEU A 292 12.72 -10.92 -0.45
C LEU A 292 12.69 -10.54 -1.93
N GLU A 293 11.77 -11.10 -2.68
CA GLU A 293 11.57 -10.80 -4.09
C GLU A 293 11.05 -9.37 -4.32
N VAL A 294 10.05 -8.92 -3.55
CA VAL A 294 9.44 -7.60 -3.75
C VAL A 294 10.26 -6.42 -3.24
N PHE A 295 10.85 -6.55 -2.04
CA PHE A 295 11.66 -5.47 -1.43
C PHE A 295 13.10 -5.58 -1.81
N GLY A 296 13.49 -6.70 -2.39
CA GLY A 296 14.85 -6.94 -2.84
C GLY A 296 15.17 -6.17 -4.11
N SER A 297 16.45 -5.92 -4.32
CA SER A 297 16.92 -5.12 -5.45
C SER A 297 17.27 -5.92 -6.70
N GLU A 298 16.99 -7.24 -6.68
CA GLU A 298 17.33 -8.17 -7.77
C GLU A 298 16.32 -8.14 -8.90
N VAL A 299 16.10 -6.92 -9.44
CA VAL A 299 15.20 -6.62 -10.54
C VAL A 299 15.89 -6.77 -11.91
N ARG B 1 14.76 -12.40 -11.63
CA ARG B 1 13.99 -13.60 -11.98
C ARG B 1 12.50 -13.40 -11.79
N HIS B 2 12.10 -13.07 -10.54
CA HIS B 2 10.72 -12.79 -10.09
C HIS B 2 9.71 -13.93 -10.24
N LYS B 3 10.14 -15.16 -9.93
CA LYS B 3 9.37 -16.40 -9.99
C LYS B 3 8.00 -16.25 -9.31
N ILE B 4 7.95 -15.72 -8.07
CA ILE B 4 6.71 -15.56 -7.29
C ILE B 4 5.83 -14.48 -7.93
N LEU B 5 6.39 -13.29 -8.22
CA LEU B 5 5.64 -12.18 -8.80
C LEU B 5 4.92 -12.56 -10.10
N HIS B 6 5.66 -13.13 -11.08
CA HIS B 6 5.16 -13.59 -12.37
C HIS B 6 4.02 -14.55 -12.21
N ARG B 7 4.19 -15.54 -11.33
CA ARG B 7 3.17 -16.52 -11.05
C ARG B 7 1.91 -15.87 -10.45
N LEU B 8 2.07 -14.94 -9.47
CA LEU B 8 0.94 -14.24 -8.84
C LEU B 8 0.23 -13.32 -9.83
N LEU B 9 0.97 -12.76 -10.79
CA LEU B 9 0.41 -11.90 -11.82
C LEU B 9 -0.31 -12.75 -12.89
N GLN B 10 -0.16 -14.10 -12.80
CA GLN B 10 -0.75 -15.17 -13.64
C GLN B 10 -0.33 -15.03 -15.09
C01 M7E C . 4.69 -0.73 8.75
C02 M7E C . 7.18 -0.07 8.78
C03 M7E C . 4.05 -0.23 7.44
C04 M7E C . 3.64 -1.69 9.35
C05 M7E C . 2.54 -0.30 7.67
C06 M7E C . 2.36 -0.84 9.10
C07 M7E C . 1.18 -1.65 9.62
C08 M7E C . 3.75 -1.94 10.86
C09 M7E C . 3.58 -3.03 8.58
C10 M7E C . 0.20 -2.04 8.79
C11 M7E C . 1.28 -2.06 11.06
C12 M7E C . -0.99 -2.74 9.12
C13 M7E C . 7.40 -3.22 7.71
C14 M7E C . 8.01 -3.97 6.54
C15 M7E C . 6.49 -2.05 7.38
C16 M7E C . 6.16 -1.19 8.61
C17 M7E C . -1.73 -3.53 8.32
C18 M7E C . -1.42 -3.90 6.95
C19 M7E C . -0.21 -4.31 6.59
C20 M7E C . -2.97 -4.14 8.93
C21 M7E C . 2.58 -2.72 11.43
C22 M7E C . -2.61 -3.89 6.02
C23 M7E C . -3.71 -4.74 6.64
C24 M7E C . -4.15 -4.17 7.98
C25 M7E C . 9.43 -6.31 6.01
C26 M7E C . 8.99 -5.05 6.99
O27 M7E C . -4.66 -2.84 7.81
O28 M7E C . -2.22 -4.36 4.72
B29 M7E C . 8.50 -6.65 7.41
B30 M7E C . 9.84 -7.69 6.91
B31 M7E C . 11.08 -6.67 6.13
B32 M7E C . 10.51 -5.00 6.16
B33 M7E C . 9.11 -5.51 8.62
B34 M7E C . 9.69 -7.19 8.60
B35 M7E C . 11.28 -7.21 7.81
B36 M7E C . 11.69 -5.54 7.35
B37 M7E C . 10.35 -4.50 7.86
B38 M7E C . 10.84 -5.86 8.88
#